data_3T2K
#
_entry.id   3T2K
#
_cell.length_a   150.270
_cell.length_b   150.270
_cell.length_c   81.700
_cell.angle_alpha   90.00
_cell.angle_beta   90.00
_cell.angle_gamma   120.00
#
_symmetry.space_group_name_H-M   'P 62 2 2'
#
loop_
_entity.id
_entity.type
_entity.pdbx_description
1 polymer 'Sulfide-quinone reductase, putative'
2 non-polymer 'FLAVIN-ADENINE DINUCLEOTIDE'
3 non-polymer DODECYL-BETA-D-MALTOSIDE
4 non-polymer 'SULFATE ION'
5 non-polymer trisulfane
6 water water
#
_entity_poly.entity_id   1
_entity_poly.type   'polypeptide(L)'
_entity_poly.pdbx_seq_one_letter_code
;MRGSAHVVILGAGTGGMPAAYEMKEALGSGHEVTLISANDYFQFVPSNPWVGVGWKERDDIAFPIRHYVERKGIHFIAQS
AEQIDAEAQNITLADGNTVHYDYLMIATGPKLAFENVPGSDPHEGPVQSIATVDHAERAFAEYQALLREPGPIVIGAMAG
ASCFGPAYEYAMIVASDLKKRGMRDKIPSFTFITSEPYIGHLGIQGVGDSKGILTKGLKEEGIEAYTNCKVTKVEDNKMY
VTQVDEKGETIKEMVLPVKFGMMIPAFKGVPAVAGVEGLCNPGGFVLVDEHQRSKKYANIFAAGIAIAIPPVETTPVPTG
APKTGYMIESMVSAAVHNIKADLEGRKGEQTMGTWNAVCFADMGDRGAAFIALPQLKPRKVDVFAYGRWVHLAKVAFEKY
FIRKMKMGVSEPFYEKVLFKMMGITRLKEEDTHRKAS
;
_entity_poly.pdbx_strand_id   A
#
# COMPACT_ATOMS: atom_id res chain seq x y z
N MET A 1 16.82 27.51 -2.45
CA MET A 1 17.25 28.88 -2.24
C MET A 1 16.25 29.87 -2.84
N ARG A 2 16.45 31.15 -2.56
CA ARG A 2 15.51 32.18 -3.00
C ARG A 2 15.52 32.37 -4.52
N GLY A 3 14.33 32.53 -5.09
CA GLY A 3 14.17 32.63 -6.54
C GLY A 3 14.59 31.35 -7.23
N SER A 4 14.91 30.33 -6.44
CA SER A 4 15.37 29.07 -6.98
C SER A 4 15.11 27.96 -5.96
N ALA A 5 13.85 27.85 -5.56
CA ALA A 5 13.43 26.94 -4.51
C ALA A 5 13.92 25.50 -4.71
N HIS A 6 14.25 24.86 -3.60
CA HIS A 6 14.65 23.47 -3.61
C HIS A 6 13.50 22.61 -3.11
N VAL A 7 12.99 21.75 -3.98
CA VAL A 7 11.87 20.88 -3.62
C VAL A 7 12.35 19.44 -3.45
N VAL A 8 12.09 18.87 -2.28
CA VAL A 8 12.47 17.49 -1.99
C VAL A 8 11.24 16.57 -2.01
N ILE A 9 11.33 15.47 -2.74
CA ILE A 9 10.31 14.44 -2.61
C ILE A 9 10.86 13.29 -1.78
N LEU A 10 10.17 12.95 -0.70
CA LEU A 10 10.64 11.93 0.22
C LEU A 10 9.88 10.61 -0.02
N GLY A 11 10.58 9.60 -0.50
CA GLY A 11 9.93 8.33 -0.84
C GLY A 11 9.68 8.14 -2.33
N ALA A 12 10.41 7.21 -2.94
CA ALA A 12 10.27 6.87 -4.35
C ALA A 12 9.43 5.61 -4.57
N GLY A 13 8.15 5.68 -4.19
CA GLY A 13 7.17 4.65 -4.47
C GLY A 13 6.08 5.14 -5.40
N THR A 14 4.90 4.54 -5.30
CA THR A 14 3.80 4.78 -6.23
C THR A 14 3.37 6.25 -6.35
N GLY A 15 3.50 7.02 -5.28
CA GLY A 15 3.22 8.43 -5.35
C GLY A 15 4.49 9.24 -5.66
N GLY A 16 5.58 8.92 -4.96
CA GLY A 16 6.77 9.74 -5.00
C GLY A 16 7.50 9.71 -6.33
N MET A 17 7.57 8.52 -6.95
CA MET A 17 8.20 8.38 -8.26
C MET A 17 7.61 9.34 -9.29
N PRO A 18 6.29 9.26 -9.50
CA PRO A 18 5.68 10.23 -10.41
C PRO A 18 5.83 11.68 -9.89
N ALA A 19 5.73 11.85 -8.59
CA ALA A 19 5.74 13.19 -8.03
C ALA A 19 7.04 13.91 -8.42
N ALA A 20 8.16 13.20 -8.40
CA ALA A 20 9.45 13.83 -8.72
C ALA A 20 9.51 14.23 -10.18
N TYR A 21 9.02 13.33 -11.03
CA TYR A 21 8.93 13.60 -12.45
C TYR A 21 8.04 14.82 -12.70
N GLU A 22 6.84 14.79 -12.12
CA GLU A 22 5.85 15.82 -12.36
C GLU A 22 6.31 17.14 -11.80
N MET A 23 7.01 17.07 -10.68
CA MET A 23 7.53 18.26 -10.03
C MET A 23 8.60 18.93 -10.89
N LYS A 24 9.53 18.14 -11.40
CA LYS A 24 10.57 18.68 -12.25
C LYS A 24 9.98 19.29 -13.50
N GLU A 25 9.00 18.58 -14.07
CA GLU A 25 8.31 19.05 -15.24
C GLU A 25 7.64 20.39 -14.95
N ALA A 26 7.05 20.52 -13.77
CA ALA A 26 6.28 21.72 -13.43
C ALA A 26 7.16 22.94 -13.14
N LEU A 27 8.28 22.70 -12.44
CA LEU A 27 9.14 23.75 -11.95
C LEU A 27 10.19 24.20 -12.96
N GLY A 28 10.54 23.31 -13.88
CA GLY A 28 11.51 23.64 -14.91
C GLY A 28 12.94 23.72 -14.42
N SER A 29 13.82 24.26 -15.25
CA SER A 29 15.25 24.22 -15.00
C SER A 29 15.76 25.18 -13.92
N GLY A 30 14.90 26.08 -13.47
CA GLY A 30 15.32 27.11 -12.52
C GLY A 30 15.09 26.69 -11.09
N HIS A 31 14.72 25.44 -10.90
CA HIS A 31 14.46 24.89 -9.58
C HIS A 31 15.09 23.52 -9.45
N GLU A 32 15.62 23.25 -8.27
CA GLU A 32 16.27 21.98 -8.00
C GLU A 32 15.24 21.02 -7.42
N VAL A 33 15.09 19.85 -8.04
CA VAL A 33 14.23 18.81 -7.49
C VAL A 33 15.07 17.62 -7.04
N THR A 34 14.93 17.24 -5.77
CA THR A 34 15.66 16.11 -5.22
C THR A 34 14.69 15.03 -4.76
N LEU A 35 14.91 13.81 -5.21
CA LEU A 35 14.15 12.65 -4.74
C LEU A 35 14.97 11.85 -3.74
N ILE A 36 14.48 11.72 -2.51
CA ILE A 36 15.18 10.96 -1.46
C ILE A 36 14.40 9.73 -1.03
N SER A 37 15.05 8.57 -1.00
CA SER A 37 14.32 7.33 -0.73
C SER A 37 15.20 6.21 -0.18
N ALA A 38 14.60 5.35 0.63
CA ALA A 38 15.34 4.32 1.37
C ALA A 38 16.06 3.27 0.49
N ASN A 39 15.44 2.84 -0.59
CA ASN A 39 16.06 1.89 -1.50
C ASN A 39 16.50 2.56 -2.80
N ASP A 40 17.43 1.94 -3.52
CA ASP A 40 17.87 2.49 -4.80
C ASP A 40 17.01 2.03 -5.98
N TYR A 41 15.92 1.33 -5.68
CA TYR A 41 15.09 0.78 -6.75
C TYR A 41 13.59 0.99 -6.55
N PHE A 42 12.88 1.18 -7.66
CA PHE A 42 11.44 1.24 -7.65
C PHE A 42 10.89 -0.17 -7.77
N GLN A 43 9.80 -0.43 -7.05
CA GLN A 43 9.12 -1.72 -7.15
C GLN A 43 7.63 -1.51 -7.38
N PHE A 44 7.04 -2.36 -8.23
CA PHE A 44 5.62 -2.26 -8.50
C PHE A 44 4.84 -3.06 -7.47
N VAL A 45 4.45 -2.37 -6.40
CA VAL A 45 3.82 -2.98 -5.21
C VAL A 45 2.71 -4.00 -5.49
N PRO A 46 1.74 -3.66 -6.36
CA PRO A 46 0.62 -4.56 -6.64
C PRO A 46 1.03 -5.94 -7.19
N SER A 47 2.30 -6.08 -7.60
CA SER A 47 2.79 -7.35 -8.10
C SER A 47 3.39 -8.24 -7.02
N ASN A 48 3.56 -7.69 -5.82
CA ASN A 48 4.19 -8.47 -4.74
C ASN A 48 3.51 -9.80 -4.38
N PRO A 49 2.17 -9.80 -4.19
CA PRO A 49 1.51 -11.07 -3.89
C PRO A 49 1.91 -12.17 -4.85
N TRP A 50 2.12 -11.85 -6.12
CA TRP A 50 2.55 -12.84 -7.10
C TRP A 50 3.99 -13.30 -6.90
N VAL A 51 4.86 -12.38 -6.52
CA VAL A 51 6.20 -12.79 -6.13
C VAL A 51 6.10 -13.75 -4.92
N GLY A 52 5.14 -13.49 -4.04
CA GLY A 52 4.94 -14.28 -2.83
C GLY A 52 4.60 -15.75 -3.07
N VAL A 53 4.04 -16.03 -4.23
CA VAL A 53 3.70 -17.39 -4.62
C VAL A 53 4.63 -17.89 -5.75
N GLY A 54 5.55 -17.03 -6.18
CA GLY A 54 6.52 -17.40 -7.19
C GLY A 54 6.04 -17.24 -8.62
N TRP A 55 5.01 -16.42 -8.82
CA TRP A 55 4.44 -16.22 -10.15
C TRP A 55 5.14 -15.08 -10.91
N LYS A 56 6.05 -14.40 -10.22
CA LYS A 56 6.79 -13.27 -10.79
C LYS A 56 8.14 -13.16 -10.10
N GLU A 57 9.13 -12.67 -10.82
CA GLU A 57 10.48 -12.50 -10.26
C GLU A 57 10.69 -11.05 -9.85
N ARG A 58 11.66 -10.82 -8.98
CA ARG A 58 12.00 -9.46 -8.59
C ARG A 58 12.27 -8.59 -9.82
N ASP A 59 13.03 -9.12 -10.78
CA ASP A 59 13.44 -8.31 -11.94
C ASP A 59 12.30 -7.98 -12.89
N ASP A 60 11.17 -8.66 -12.75
CA ASP A 60 10.02 -8.33 -13.57
C ASP A 60 9.30 -7.08 -13.06
N ILE A 61 9.48 -6.78 -11.78
CA ILE A 61 8.68 -5.73 -11.16
C ILE A 61 9.45 -4.60 -10.50
N ALA A 62 10.78 -4.69 -10.55
CA ALA A 62 11.66 -3.70 -9.91
C ALA A 62 12.78 -3.28 -10.85
N PHE A 63 13.22 -2.04 -10.69
CA PHE A 63 14.31 -1.51 -11.50
C PHE A 63 15.05 -0.41 -10.75
N PRO A 64 16.34 -0.22 -11.08
CA PRO A 64 17.19 0.83 -10.51
C PRO A 64 16.67 2.20 -10.92
N ILE A 65 16.54 3.11 -9.95
CA ILE A 65 15.95 4.41 -10.17
C ILE A 65 16.88 5.48 -10.76
N ARG A 66 18.14 5.50 -10.30
CA ARG A 66 19.07 6.60 -10.54
C ARG A 66 19.14 7.14 -11.98
N HIS A 67 19.41 6.25 -12.93
CA HIS A 67 19.53 6.66 -14.32
C HIS A 67 18.27 7.38 -14.82
N TYR A 68 17.11 6.81 -14.53
CA TYR A 68 15.86 7.29 -15.10
C TYR A 68 15.42 8.69 -14.65
N VAL A 69 15.73 9.05 -13.40
CA VAL A 69 15.41 10.40 -12.93
C VAL A 69 16.49 11.42 -13.29
N GLU A 70 17.74 10.99 -13.25
CA GLU A 70 18.85 11.92 -13.47
C GLU A 70 18.85 12.46 -14.89
N ARG A 71 18.41 11.65 -15.83
CA ARG A 71 18.35 12.11 -17.21
C ARG A 71 17.17 13.06 -17.39
N LYS A 72 16.44 13.28 -16.31
CA LYS A 72 15.32 14.19 -16.33
C LYS A 72 15.63 15.38 -15.43
N GLY A 73 16.88 15.46 -14.99
CA GLY A 73 17.34 16.57 -14.16
C GLY A 73 17.01 16.47 -12.68
N ILE A 74 16.61 15.28 -12.24
CA ILE A 74 16.24 15.06 -10.84
C ILE A 74 17.43 14.49 -10.08
N HIS A 75 17.73 15.06 -8.91
CA HIS A 75 18.76 14.51 -8.04
C HIS A 75 18.20 13.34 -7.23
N PHE A 76 18.97 12.27 -7.12
CA PHE A 76 18.52 11.08 -6.40
C PHE A 76 19.46 10.60 -5.29
N ILE A 77 18.97 10.61 -4.06
CA ILE A 77 19.75 10.13 -2.92
C ILE A 77 19.17 8.82 -2.44
N ALA A 78 19.87 7.72 -2.69
CA ALA A 78 19.36 6.40 -2.31
C ALA A 78 19.67 6.14 -0.84
N GLN A 79 18.96 6.86 0.01
CA GLN A 79 19.26 6.87 1.43
C GLN A 79 18.00 7.17 2.26
N SER A 80 17.90 6.51 3.41
CA SER A 80 16.77 6.72 4.30
C SER A 80 16.91 7.98 5.16
N ALA A 81 15.83 8.77 5.25
CA ALA A 81 15.76 9.89 6.19
C ALA A 81 15.49 9.36 7.59
N GLU A 82 16.31 9.77 8.55
CA GLU A 82 16.16 9.32 9.92
C GLU A 82 15.41 10.36 10.69
N GLN A 83 15.55 11.60 10.26
CA GLN A 83 15.03 12.71 11.05
C GLN A 83 14.69 13.91 10.18
N ILE A 84 13.58 14.54 10.51
CA ILE A 84 13.13 15.72 9.78
C ILE A 84 12.90 16.86 10.75
N ASP A 85 13.70 17.91 10.62
CA ASP A 85 13.54 19.14 11.38
C ASP A 85 12.74 20.15 10.55
N ALA A 86 11.47 20.34 10.93
CA ALA A 86 10.56 21.18 10.17
C ALA A 86 10.79 22.68 10.41
N GLU A 87 11.50 23.03 11.48
CA GLU A 87 11.79 24.44 11.76
C GLU A 87 12.97 24.90 10.91
N ALA A 88 14.08 24.17 11.03
CA ALA A 88 15.26 24.45 10.24
C ALA A 88 15.12 23.96 8.81
N GLN A 89 14.07 23.18 8.54
CA GLN A 89 13.84 22.60 7.20
C GLN A 89 15.02 21.77 6.73
N ASN A 90 15.53 20.94 7.63
CA ASN A 90 16.66 20.06 7.37
C ASN A 90 16.28 18.61 7.57
N ILE A 91 16.71 17.76 6.65
CA ILE A 91 16.49 16.33 6.76
C ILE A 91 17.83 15.66 7.08
N THR A 92 17.87 14.87 8.15
CA THR A 92 19.09 14.15 8.49
C THR A 92 19.03 12.74 7.90
N LEU A 93 19.98 12.40 7.04
CA LEU A 93 20.05 11.09 6.43
C LEU A 93 20.64 10.02 7.33
N ALA A 94 20.49 8.76 6.92
CA ALA A 94 21.05 7.64 7.65
C ALA A 94 22.56 7.81 7.82
N ASP A 95 23.21 8.37 6.81
CA ASP A 95 24.67 8.37 6.76
C ASP A 95 25.24 9.56 7.52
N GLY A 96 24.35 10.34 8.14
CA GLY A 96 24.76 11.49 8.89
C GLY A 96 24.55 12.80 8.15
N ASN A 97 24.62 12.76 6.83
CA ASN A 97 24.48 13.97 6.01
C ASN A 97 23.16 14.67 6.26
N THR A 98 23.10 15.93 5.83
CA THR A 98 21.91 16.75 6.04
C THR A 98 21.49 17.37 4.71
N VAL A 99 20.18 17.43 4.48
CA VAL A 99 19.66 18.00 3.26
C VAL A 99 18.62 19.07 3.60
N HIS A 100 18.80 20.26 3.04
CA HIS A 100 17.88 21.38 3.30
C HIS A 100 16.82 21.42 2.20
N TYR A 101 15.65 21.93 2.54
CA TYR A 101 14.59 22.06 1.57
C TYR A 101 13.86 23.37 1.78
N ASP A 102 13.22 23.85 0.73
CA ASP A 102 12.33 24.99 0.88
C ASP A 102 10.93 24.45 0.91
N TYR A 103 10.67 23.44 0.06
CA TYR A 103 9.43 22.69 0.08
C TYR A 103 9.69 21.19 0.23
N LEU A 104 8.91 20.53 1.09
CA LEU A 104 9.05 19.09 1.26
C LEU A 104 7.77 18.36 0.91
N MET A 105 7.88 17.37 0.04
CA MET A 105 6.76 16.52 -0.36
C MET A 105 6.90 15.11 0.21
N ILE A 106 6.07 14.77 1.19
CA ILE A 106 6.19 13.49 1.85
C ILE A 106 5.36 12.39 1.22
N ALA A 107 6.07 11.39 0.70
CA ALA A 107 5.47 10.25 0.04
C ALA A 107 6.08 8.97 0.55
N THR A 108 6.06 8.80 1.87
CA THR A 108 6.82 7.74 2.50
C THR A 108 6.05 6.42 2.69
N GLY A 109 4.79 6.41 2.27
CA GLY A 109 3.99 5.22 2.37
C GLY A 109 3.80 4.76 3.82
N PRO A 110 3.62 3.46 4.02
CA PRO A 110 3.34 2.95 5.36
C PRO A 110 4.52 2.28 6.05
N LYS A 111 4.62 2.49 7.36
CA LYS A 111 5.32 1.55 8.24
C LYS A 111 4.44 0.31 8.47
N LEU A 112 4.99 -0.87 8.20
CA LEU A 112 4.31 -2.13 8.46
C LEU A 112 4.42 -2.39 9.95
N ALA A 113 3.33 -2.21 10.67
CA ALA A 113 3.40 -2.18 12.12
C ALA A 113 3.31 -3.59 12.75
N PHE A 114 4.32 -4.41 12.49
CA PHE A 114 4.36 -5.77 13.02
C PHE A 114 4.39 -5.75 14.54
N GLU A 115 4.88 -4.66 15.13
CA GLU A 115 5.01 -4.54 16.57
C GLU A 115 3.65 -4.65 17.28
N ASN A 116 2.56 -4.33 16.58
CA ASN A 116 1.20 -4.48 17.14
C ASN A 116 0.92 -5.91 17.56
N VAL A 117 1.57 -6.86 16.90
CA VAL A 117 1.37 -8.27 17.19
C VAL A 117 2.69 -9.01 17.39
N PRO A 118 3.12 -9.14 18.66
CA PRO A 118 4.36 -9.84 18.99
C PRO A 118 4.42 -11.18 18.28
N GLY A 119 5.55 -11.47 17.63
CA GLY A 119 5.70 -12.69 16.86
C GLY A 119 5.40 -12.55 15.39
N SER A 120 4.67 -11.49 15.02
CA SER A 120 4.17 -11.37 13.66
C SER A 120 5.20 -10.86 12.62
N ASP A 121 6.34 -10.38 13.06
CA ASP A 121 7.36 -9.93 12.10
C ASP A 121 7.82 -11.14 11.29
N PRO A 122 7.96 -10.97 9.97
CA PRO A 122 8.36 -12.08 9.10
C PRO A 122 9.67 -12.72 9.53
N HIS A 123 10.50 -11.99 10.27
CA HIS A 123 11.79 -12.51 10.69
C HIS A 123 11.72 -13.18 12.06
N GLU A 124 10.55 -13.09 12.70
CA GLU A 124 10.36 -13.65 14.05
C GLU A 124 9.53 -14.93 14.11
N GLY A 125 8.89 -15.28 13.01
CA GLY A 125 7.98 -16.41 12.99
C GLY A 125 7.49 -16.77 11.60
N PRO A 126 6.50 -17.67 11.52
CA PRO A 126 6.02 -18.31 10.29
C PRO A 126 5.02 -17.43 9.54
N VAL A 127 4.44 -16.46 10.22
CA VAL A 127 3.60 -15.45 9.58
C VAL A 127 4.45 -14.47 8.74
N GLN A 128 4.33 -14.61 7.43
CA GLN A 128 5.10 -13.82 6.48
C GLN A 128 4.35 -12.56 6.00
N SER A 129 4.91 -11.90 5.01
CA SER A 129 4.39 -10.66 4.46
C SER A 129 4.59 -10.60 2.93
N ILE A 130 3.64 -9.98 2.22
CA ILE A 130 3.80 -9.75 0.78
C ILE A 130 3.77 -8.28 0.36
N ALA A 131 4.07 -7.38 1.30
CA ALA A 131 3.93 -5.96 1.09
C ALA A 131 5.09 -5.35 0.31
N THR A 132 6.24 -6.01 0.34
CA THR A 132 7.44 -5.50 -0.34
C THR A 132 8.11 -6.67 -1.03
N VAL A 133 8.87 -6.40 -2.09
CA VAL A 133 9.49 -7.50 -2.82
C VAL A 133 10.47 -8.27 -1.94
N ASP A 134 11.13 -7.58 -1.02
CA ASP A 134 11.97 -8.25 -0.03
C ASP A 134 11.17 -9.26 0.76
N HIS A 135 10.04 -8.82 1.30
CA HIS A 135 9.17 -9.68 2.09
C HIS A 135 8.55 -10.80 1.26
N ALA A 136 8.08 -10.46 0.07
CA ALA A 136 7.43 -11.44 -0.81
C ALA A 136 8.42 -12.51 -1.22
N GLU A 137 9.62 -12.11 -1.64
CA GLU A 137 10.67 -13.09 -1.94
C GLU A 137 10.81 -14.04 -0.76
N ARG A 138 10.86 -13.45 0.44
CA ARG A 138 10.95 -14.25 1.66
C ARG A 138 9.70 -15.13 1.88
N ALA A 139 8.50 -14.60 1.65
CA ALA A 139 7.29 -15.39 1.78
C ALA A 139 7.30 -16.61 0.85
N PHE A 140 7.76 -16.42 -0.38
CA PHE A 140 7.83 -17.53 -1.31
C PHE A 140 8.79 -18.60 -0.84
N ALA A 141 9.89 -18.17 -0.22
CA ALA A 141 10.90 -19.10 0.28
C ALA A 141 10.30 -20.02 1.31
N GLU A 142 9.50 -19.47 2.21
CA GLU A 142 8.85 -20.24 3.27
C GLU A 142 7.73 -21.09 2.69
N TYR A 143 7.21 -20.64 1.56
CA TYR A 143 6.18 -21.38 0.85
C TYR A 143 6.76 -22.69 0.28
N GLN A 144 7.98 -22.62 -0.23
CA GLN A 144 8.67 -23.82 -0.68
C GLN A 144 8.93 -24.78 0.49
N ALA A 145 9.25 -24.21 1.65
CA ALA A 145 9.47 -24.99 2.87
C ALA A 145 8.19 -25.65 3.35
N LEU A 146 7.05 -25.03 3.06
CA LEU A 146 5.76 -25.65 3.30
C LEU A 146 5.55 -26.80 2.30
N LEU A 147 5.96 -26.59 1.05
CA LEU A 147 5.82 -27.60 0.03
C LEU A 147 6.65 -28.84 0.35
N ARG A 148 7.78 -28.63 1.01
CA ARG A 148 8.62 -29.75 1.39
C ARG A 148 8.06 -30.44 2.63
N GLU A 149 7.35 -29.69 3.46
CA GLU A 149 6.83 -30.22 4.72
C GLU A 149 5.40 -29.75 4.98
N PRO A 150 4.44 -30.18 4.13
CA PRO A 150 3.07 -29.68 4.22
C PRO A 150 2.61 -29.52 5.67
N GLY A 151 1.88 -28.44 5.93
CA GLY A 151 1.43 -28.10 7.28
C GLY A 151 0.33 -27.05 7.16
N PRO A 152 -0.29 -26.68 8.30
CA PRO A 152 -1.44 -25.77 8.24
C PRO A 152 -1.05 -24.44 7.62
N ILE A 153 -1.94 -23.86 6.82
CA ILE A 153 -1.74 -22.53 6.23
C ILE A 153 -2.68 -21.53 6.90
N VAL A 154 -2.16 -20.36 7.25
CA VAL A 154 -3.04 -19.27 7.69
C VAL A 154 -2.75 -17.95 6.99
N ILE A 155 -3.73 -17.47 6.23
CA ILE A 155 -3.61 -16.21 5.50
C ILE A 155 -4.74 -15.30 5.95
N GLY A 156 -4.54 -13.98 5.88
CA GLY A 156 -5.54 -13.04 6.35
C GLY A 156 -5.05 -11.62 6.58
N ALA A 157 -5.81 -10.82 7.33
CA ALA A 157 -5.44 -9.44 7.66
C ALA A 157 -5.60 -9.15 9.14
N MET A 158 -4.63 -8.45 9.72
CA MET A 158 -4.65 -8.13 11.14
C MET A 158 -5.65 -7.04 11.45
N ALA A 159 -5.88 -6.83 12.73
CA ALA A 159 -6.60 -5.66 13.19
C ALA A 159 -5.86 -4.44 12.68
N GLY A 160 -6.59 -3.40 12.30
CA GLY A 160 -5.96 -2.15 11.90
C GLY A 160 -5.54 -2.11 10.44
N ALA A 161 -5.52 -3.28 9.81
CA ALA A 161 -5.22 -3.38 8.39
C ALA A 161 -6.21 -2.54 7.61
N SER A 162 -5.82 -2.16 6.40
CA SER A 162 -6.64 -1.32 5.55
C SER A 162 -6.59 -1.80 4.12
N CYS A 163 -5.63 -2.67 3.83
CA CYS A 163 -5.45 -3.16 2.47
C CYS A 163 -5.78 -4.64 2.39
N PHE A 164 -7.07 -4.96 2.27
CA PHE A 164 -7.54 -6.35 2.39
C PHE A 164 -7.46 -7.16 1.10
N GLY A 165 -7.72 -6.52 -0.02
CA GLY A 165 -7.69 -7.20 -1.31
C GLY A 165 -6.59 -8.24 -1.40
N PRO A 166 -5.33 -7.78 -1.25
CA PRO A 166 -4.15 -8.65 -1.37
C PRO A 166 -4.19 -9.90 -0.49
N ALA A 167 -4.89 -9.83 0.63
CA ALA A 167 -5.00 -10.97 1.51
C ALA A 167 -5.84 -12.03 0.81
N TYR A 168 -7.02 -11.63 0.35
CA TYR A 168 -7.84 -12.48 -0.49
C TYR A 168 -7.06 -13.00 -1.68
N GLU A 169 -6.45 -12.08 -2.43
CA GLU A 169 -5.71 -12.49 -3.60
C GLU A 169 -4.65 -13.53 -3.25
N TYR A 170 -3.95 -13.33 -2.13
CA TYR A 170 -2.85 -14.23 -1.80
C TYR A 170 -3.40 -15.60 -1.44
N ALA A 171 -4.46 -15.62 -0.66
CA ALA A 171 -5.12 -16.88 -0.31
C ALA A 171 -5.57 -17.67 -1.56
N MET A 172 -6.14 -16.99 -2.55
CA MET A 172 -6.61 -17.71 -3.73
C MET A 172 -5.45 -18.22 -4.60
N ILE A 173 -4.40 -17.42 -4.78
CA ILE A 173 -3.33 -17.85 -5.69
C ILE A 173 -2.45 -18.94 -5.08
N VAL A 174 -2.36 -18.96 -3.75
CA VAL A 174 -1.73 -20.07 -3.07
C VAL A 174 -2.56 -21.34 -3.30
N ALA A 175 -3.83 -21.30 -2.96
CA ALA A 175 -4.74 -22.39 -3.32
C ALA A 175 -4.49 -22.77 -4.76
N SER A 176 -4.57 -21.80 -5.65
CA SER A 176 -4.41 -22.06 -7.07
C SER A 176 -3.09 -22.72 -7.41
N ASP A 177 -2.02 -22.34 -6.73
CA ASP A 177 -0.71 -22.83 -7.10
C ASP A 177 -0.44 -24.17 -6.44
N LEU A 178 -1.12 -24.43 -5.32
CA LEU A 178 -1.08 -25.73 -4.69
C LEU A 178 -1.72 -26.74 -5.62
N LYS A 179 -2.95 -26.44 -6.04
CA LYS A 179 -3.67 -27.28 -7.00
C LYS A 179 -2.79 -27.60 -8.20
N LYS A 180 -2.22 -26.57 -8.80
CA LYS A 180 -1.36 -26.75 -9.98
C LYS A 180 -0.18 -27.69 -9.70
N ARG A 181 0.53 -27.47 -8.59
CA ARG A 181 1.60 -28.38 -8.20
C ARG A 181 1.02 -29.73 -7.82
N GLY A 182 -0.29 -29.83 -7.87
CA GLY A 182 -0.97 -31.04 -7.47
C GLY A 182 -0.62 -31.41 -6.05
N MET A 183 -0.65 -30.43 -5.15
CA MET A 183 -0.36 -30.72 -3.75
C MET A 183 -1.26 -30.00 -2.77
N ARG A 184 -2.47 -29.64 -3.21
CA ARG A 184 -3.45 -29.04 -2.33
C ARG A 184 -3.85 -30.06 -1.27
N ASP A 185 -3.91 -31.32 -1.67
CA ASP A 185 -4.42 -32.40 -0.82
C ASP A 185 -3.61 -32.58 0.46
N LYS A 186 -2.33 -32.23 0.43
CA LYS A 186 -1.43 -32.44 1.57
C LYS A 186 -1.60 -31.44 2.72
N ILE A 187 -2.47 -30.44 2.54
CA ILE A 187 -2.58 -29.35 3.51
C ILE A 187 -3.61 -29.67 4.60
N PRO A 188 -3.16 -29.78 5.86
CA PRO A 188 -4.00 -30.10 7.02
C PRO A 188 -5.20 -29.19 7.11
N SER A 189 -4.94 -27.88 7.05
CA SER A 189 -5.99 -26.89 7.09
C SER A 189 -5.59 -25.61 6.37
N PHE A 190 -6.58 -24.84 5.94
CA PHE A 190 -6.36 -23.60 5.22
C PHE A 190 -7.38 -22.61 5.76
N THR A 191 -6.88 -21.67 6.57
CA THR A 191 -7.75 -20.78 7.31
C THR A 191 -7.53 -19.34 6.92
N PHE A 192 -8.62 -18.60 6.89
CA PHE A 192 -8.57 -17.21 6.52
C PHE A 192 -9.06 -16.45 7.73
N ILE A 193 -8.20 -15.58 8.24
CA ILE A 193 -8.50 -14.81 9.43
C ILE A 193 -8.46 -13.35 9.04
N THR A 194 -9.53 -12.62 9.32
CA THR A 194 -9.59 -11.19 8.99
C THR A 194 -10.24 -10.37 10.10
N SER A 195 -9.87 -9.09 10.15
CA SER A 195 -10.38 -8.18 11.15
C SER A 195 -11.65 -7.50 10.64
N GLU A 196 -12.01 -7.78 9.40
CA GLU A 196 -13.26 -7.30 8.82
C GLU A 196 -14.47 -7.83 9.58
N PRO A 197 -15.52 -7.00 9.71
CA PRO A 197 -16.74 -7.48 10.36
C PRO A 197 -17.46 -8.56 9.52
N TYR A 198 -17.20 -8.59 8.21
CA TYR A 198 -17.66 -9.71 7.38
C TYR A 198 -16.74 -9.92 6.19
N ILE A 199 -16.81 -11.10 5.57
CA ILE A 199 -16.04 -11.37 4.36
C ILE A 199 -16.42 -10.37 3.26
N GLY A 200 -15.42 -9.84 2.57
CA GLY A 200 -15.66 -8.87 1.52
C GLY A 200 -15.99 -7.45 1.99
N HIS A 201 -15.75 -7.14 3.26
CA HIS A 201 -15.96 -5.78 3.78
C HIS A 201 -14.92 -4.86 3.13
N LEU A 202 -13.69 -5.35 3.08
CA LEU A 202 -12.61 -4.71 2.37
C LEU A 202 -12.28 -3.34 2.95
N GLY A 203 -12.79 -3.05 4.15
CA GLY A 203 -12.52 -1.76 4.76
C GLY A 203 -13.27 -0.63 4.08
N ILE A 204 -14.22 -0.99 3.22
CA ILE A 204 -15.07 -0.01 2.57
C ILE A 204 -16.56 -0.37 2.68
N GLN A 205 -16.90 -1.20 3.66
CA GLN A 205 -18.28 -1.65 3.83
C GLN A 205 -18.76 -2.41 2.59
N GLY A 206 -17.87 -3.17 1.97
CA GLY A 206 -18.25 -3.99 0.84
C GLY A 206 -18.53 -3.18 -0.40
N VAL A 207 -18.32 -3.80 -1.55
CA VAL A 207 -18.54 -3.14 -2.82
C VAL A 207 -19.16 -4.16 -3.79
N GLY A 208 -20.33 -3.80 -4.33
CA GLY A 208 -21.09 -4.73 -5.16
C GLY A 208 -21.36 -5.96 -4.33
N ASP A 209 -21.16 -7.14 -4.91
CA ASP A 209 -21.35 -8.39 -4.17
C ASP A 209 -20.02 -9.01 -3.73
N SER A 210 -19.11 -8.16 -3.29
CA SER A 210 -17.81 -8.63 -2.84
C SER A 210 -18.00 -9.61 -1.69
N LYS A 211 -19.10 -9.46 -0.95
CA LYS A 211 -19.34 -10.34 0.17
C LYS A 211 -19.66 -11.77 -0.26
N GLY A 212 -20.60 -11.90 -1.19
CA GLY A 212 -21.04 -13.19 -1.64
C GLY A 212 -20.05 -13.86 -2.56
N ILE A 213 -19.30 -13.06 -3.31
CA ILE A 213 -18.41 -13.61 -4.31
C ILE A 213 -17.14 -14.08 -3.62
N LEU A 214 -16.59 -13.25 -2.74
CA LEU A 214 -15.43 -13.63 -1.96
C LEU A 214 -15.79 -14.76 -0.99
N THR A 215 -17.00 -14.73 -0.43
CA THR A 215 -17.40 -15.82 0.46
C THR A 215 -17.43 -17.15 -0.30
N LYS A 216 -18.08 -17.14 -1.46
CA LYS A 216 -18.25 -18.34 -2.26
C LYS A 216 -16.90 -18.82 -2.80
N GLY A 217 -15.99 -17.90 -3.08
CA GLY A 217 -14.68 -18.28 -3.56
C GLY A 217 -13.83 -19.02 -2.54
N LEU A 218 -13.73 -18.46 -1.32
CA LEU A 218 -13.01 -19.12 -0.24
C LEU A 218 -13.60 -20.50 0.03
N LYS A 219 -14.91 -20.62 -0.11
CA LYS A 219 -15.58 -21.91 0.07
C LYS A 219 -15.15 -22.88 -1.04
N GLU A 220 -15.25 -22.43 -2.29
CA GLU A 220 -14.81 -23.20 -3.45
C GLU A 220 -13.43 -23.81 -3.28
N GLU A 221 -12.52 -23.06 -2.65
CA GLU A 221 -11.13 -23.50 -2.52
C GLU A 221 -10.88 -24.28 -1.23
N GLY A 222 -11.94 -24.53 -0.46
CA GLY A 222 -11.80 -25.24 0.80
C GLY A 222 -11.03 -24.44 1.84
N ILE A 223 -11.31 -23.14 1.93
CA ILE A 223 -10.73 -22.26 2.92
C ILE A 223 -11.80 -21.82 3.92
N GLU A 224 -11.59 -22.16 5.18
CA GLU A 224 -12.48 -21.83 6.27
C GLU A 224 -12.18 -20.39 6.69
N ALA A 225 -13.21 -19.63 7.04
CA ALA A 225 -13.04 -18.19 7.22
C ALA A 225 -13.70 -17.63 8.48
N TYR A 226 -12.96 -16.77 9.18
CA TYR A 226 -13.44 -16.15 10.39
C TYR A 226 -13.28 -14.64 10.31
N THR A 227 -14.36 -13.93 10.65
CA THR A 227 -14.36 -12.49 10.62
C THR A 227 -14.33 -11.96 12.05
N ASN A 228 -14.12 -10.66 12.20
CA ASN A 228 -14.08 -10.04 13.52
C ASN A 228 -12.96 -10.62 14.39
N CYS A 229 -11.81 -10.89 13.78
CA CYS A 229 -10.68 -11.41 14.53
C CYS A 229 -9.56 -10.40 14.72
N LYS A 230 -8.94 -10.47 15.89
CA LYS A 230 -7.66 -9.83 16.12
C LYS A 230 -6.73 -10.96 16.50
N VAL A 231 -5.47 -10.82 16.11
CA VAL A 231 -4.43 -11.74 16.56
C VAL A 231 -3.70 -11.11 17.74
N THR A 232 -3.71 -11.78 18.89
CA THR A 232 -3.07 -11.22 20.07
C THR A 232 -1.56 -11.44 20.04
N LYS A 233 -1.13 -12.61 19.56
CA LYS A 233 0.30 -12.87 19.42
C LYS A 233 0.59 -14.04 18.50
N VAL A 234 1.79 -14.04 17.94
CA VAL A 234 2.31 -15.20 17.22
C VAL A 234 3.48 -15.75 18.02
N GLU A 235 3.48 -17.05 18.25
CA GLU A 235 4.39 -17.61 19.22
C GLU A 235 4.38 -19.13 19.15
N ASP A 236 5.56 -19.73 19.26
CA ASP A 236 5.72 -21.17 19.19
C ASP A 236 5.17 -21.73 17.88
N ASN A 237 5.24 -20.96 16.81
CA ASN A 237 4.65 -21.35 15.54
C ASN A 237 3.12 -21.47 15.63
N LYS A 238 2.53 -20.84 16.64
CA LYS A 238 1.10 -20.84 16.79
C LYS A 238 0.55 -19.42 16.74
N MET A 239 -0.62 -19.28 16.14
CA MET A 239 -1.25 -17.98 16.06
C MET A 239 -2.40 -17.91 17.04
N TYR A 240 -2.35 -16.96 17.97
CA TYR A 240 -3.38 -16.83 18.98
C TYR A 240 -4.39 -15.78 18.53
N VAL A 241 -5.62 -16.23 18.25
CA VAL A 241 -6.66 -15.40 17.65
C VAL A 241 -7.80 -15.14 18.62
N THR A 242 -8.17 -13.87 18.80
CA THR A 242 -9.37 -13.54 19.60
C THR A 242 -10.48 -13.01 18.69
N GLN A 243 -11.67 -13.59 18.80
CA GLN A 243 -12.79 -13.23 17.94
C GLN A 243 -13.89 -12.56 18.73
N VAL A 244 -14.28 -11.36 18.31
CA VAL A 244 -15.28 -10.60 19.07
C VAL A 244 -16.67 -10.58 18.41
N ASP A 245 -17.63 -9.95 19.08
CA ASP A 245 -18.94 -9.74 18.50
C ASP A 245 -19.13 -8.26 18.14
N GLU A 246 -20.32 -7.91 17.67
CA GLU A 246 -20.58 -6.55 17.22
C GLU A 246 -20.34 -5.50 18.30
N LYS A 247 -20.10 -5.93 19.53
CA LYS A 247 -19.93 -4.99 20.63
C LYS A 247 -18.54 -5.05 21.25
N GLY A 248 -17.66 -5.85 20.66
CA GLY A 248 -16.30 -5.95 21.16
C GLY A 248 -16.10 -7.09 22.14
N GLU A 249 -17.15 -7.44 22.86
CA GLU A 249 -17.07 -8.57 23.78
C GLU A 249 -16.54 -9.77 23.02
N THR A 250 -15.87 -10.68 23.72
CA THR A 250 -15.27 -11.85 23.11
C THR A 250 -16.30 -12.96 22.93
N ILE A 251 -16.26 -13.64 21.79
CA ILE A 251 -17.14 -14.79 21.61
C ILE A 251 -16.36 -16.07 21.34
N LYS A 252 -15.06 -15.94 21.16
CA LYS A 252 -14.20 -17.10 21.28
C LYS A 252 -12.73 -16.78 21.10
N GLU A 253 -11.89 -17.74 21.44
CA GLU A 253 -10.47 -17.60 21.26
C GLU A 253 -9.96 -18.86 20.62
N MET A 254 -9.06 -18.72 19.68
CA MET A 254 -8.51 -19.88 19.00
C MET A 254 -7.00 -19.88 19.14
N VAL A 255 -6.43 -21.05 18.89
CA VAL A 255 -4.99 -21.21 18.82
C VAL A 255 -4.69 -22.00 17.56
N LEU A 256 -4.15 -21.32 16.56
CA LEU A 256 -3.97 -21.94 15.26
C LEU A 256 -2.50 -22.24 15.01
N PRO A 257 -2.18 -23.52 14.81
CA PRO A 257 -0.83 -23.89 14.36
C PRO A 257 -0.59 -23.33 12.98
N VAL A 258 0.62 -22.84 12.71
CA VAL A 258 0.95 -22.29 11.41
C VAL A 258 2.30 -22.79 10.91
N LYS A 259 2.29 -23.49 9.79
CA LYS A 259 3.51 -23.92 9.12
C LYS A 259 3.89 -22.86 8.11
N PHE A 260 2.87 -22.14 7.63
CA PHE A 260 3.04 -21.10 6.63
C PHE A 260 1.86 -20.14 6.59
N GLY A 261 2.12 -18.88 6.88
CA GLY A 261 1.07 -17.89 6.95
C GLY A 261 1.48 -16.51 6.45
N MET A 262 0.47 -15.70 6.15
CA MET A 262 0.70 -14.36 5.66
C MET A 262 -0.45 -13.52 6.16
N MET A 263 -0.16 -12.54 7.00
CA MET A 263 -1.18 -11.64 7.50
C MET A 263 -0.82 -10.21 7.11
N ILE A 264 -1.79 -9.51 6.53
CA ILE A 264 -1.62 -8.11 6.20
C ILE A 264 -1.61 -7.34 7.50
N PRO A 265 -0.53 -6.58 7.77
CA PRO A 265 -0.48 -5.83 9.02
C PRO A 265 -1.16 -4.48 8.95
N ALA A 266 -1.40 -3.87 10.11
CA ALA A 266 -1.80 -2.47 10.16
C ALA A 266 -0.69 -1.61 9.58
N PHE A 267 -1.08 -0.49 8.98
CA PHE A 267 -0.12 0.51 8.48
C PHE A 267 -0.06 1.68 9.45
N LYS A 268 1.16 2.08 9.82
CA LYS A 268 1.36 3.36 10.49
C LYS A 268 2.29 4.24 9.66
N GLY A 269 2.32 5.53 9.98
CA GLY A 269 3.30 6.42 9.37
C GLY A 269 4.72 6.01 9.70
N VAL A 270 5.63 6.14 8.74
CA VAL A 270 7.03 5.85 9.05
C VAL A 270 7.56 6.74 10.17
N PRO A 271 8.59 6.29 10.85
CA PRO A 271 9.03 7.00 12.06
C PRO A 271 9.58 8.40 11.81
N ALA A 272 10.36 8.62 10.76
CA ALA A 272 10.97 9.94 10.56
C ALA A 272 9.93 11.00 10.36
N VAL A 273 8.79 10.60 9.83
CA VAL A 273 7.68 11.53 9.58
C VAL A 273 6.79 11.63 10.80
N ALA A 274 6.45 10.48 11.38
CA ALA A 274 5.67 10.43 12.62
C ALA A 274 6.35 11.27 13.69
N GLY A 275 7.68 11.27 13.67
CA GLY A 275 8.46 11.94 14.70
C GLY A 275 8.56 13.44 14.58
N VAL A 276 7.98 14.02 13.51
CA VAL A 276 7.96 15.46 13.35
C VAL A 276 6.87 16.05 14.24
N GLU A 277 7.26 16.78 15.28
CA GLU A 277 6.29 17.27 16.23
C GLU A 277 5.20 18.09 15.55
N GLY A 278 3.94 17.70 15.81
CA GLY A 278 2.78 18.42 15.35
C GLY A 278 2.41 18.14 13.91
N LEU A 279 3.13 17.22 13.29
CA LEU A 279 2.93 16.97 11.89
C LEU A 279 1.79 15.96 11.70
N CYS A 280 1.73 14.96 12.56
CA CYS A 280 0.93 13.76 12.29
C CYS A 280 -0.15 13.48 13.34
N ASN A 281 -1.16 12.72 12.94
CA ASN A 281 -2.09 12.13 13.91
C ASN A 281 -1.37 11.08 14.77
N PRO A 282 -2.07 10.46 15.73
CA PRO A 282 -1.39 9.48 16.58
C PRO A 282 -0.84 8.25 15.82
N GLY A 283 -1.31 8.03 14.59
CA GLY A 283 -0.85 6.90 13.79
C GLY A 283 0.43 7.19 13.05
N GLY A 284 0.79 8.47 12.94
CA GLY A 284 1.95 8.87 12.17
C GLY A 284 1.57 9.32 10.77
N PHE A 285 0.31 9.69 10.63
CA PHE A 285 -0.19 10.09 9.34
C PHE A 285 -0.24 11.59 9.27
N VAL A 286 0.29 12.12 8.17
CA VAL A 286 0.43 13.57 8.02
C VAL A 286 -0.93 14.24 7.88
N LEU A 287 -1.28 15.09 8.85
CA LEU A 287 -2.53 15.84 8.77
C LEU A 287 -2.44 16.95 7.70
N VAL A 288 -3.20 16.78 6.62
CA VAL A 288 -3.13 17.73 5.51
C VAL A 288 -4.50 18.25 5.13
N ASP A 289 -4.51 19.37 4.41
CA ASP A 289 -5.76 19.94 3.96
C ASP A 289 -6.12 19.35 2.60
N GLU A 290 -7.14 19.90 1.96
CA GLU A 290 -7.64 19.41 0.69
C GLU A 290 -6.67 19.65 -0.47
N HIS A 291 -5.70 20.51 -0.25
CA HIS A 291 -4.70 20.80 -1.26
C HIS A 291 -3.41 19.99 -1.00
N GLN A 292 -3.49 19.02 -0.09
CA GLN A 292 -2.33 18.19 0.32
C GLN A 292 -1.23 18.93 1.09
N ARG A 293 -1.53 20.11 1.63
CA ARG A 293 -0.57 20.86 2.43
C ARG A 293 -0.74 20.48 3.89
N SER A 294 0.35 20.19 4.57
CA SER A 294 0.31 19.95 6.02
C SER A 294 -0.40 21.10 6.73
N LYS A 295 -1.07 20.79 7.83
CA LYS A 295 -1.81 21.83 8.54
C LYS A 295 -0.93 22.65 9.49
N LYS A 296 0.29 22.19 9.72
CA LYS A 296 1.19 22.86 10.64
C LYS A 296 2.31 23.59 9.91
N TYR A 297 2.77 23.02 8.80
CA TYR A 297 3.82 23.66 8.02
C TYR A 297 3.44 23.90 6.57
N ALA A 298 3.45 25.16 6.17
CA ALA A 298 2.99 25.56 4.85
C ALA A 298 3.88 25.04 3.71
N ASN A 299 5.16 24.82 3.98
CA ASN A 299 6.05 24.28 2.95
C ASN A 299 6.19 22.75 2.97
N ILE A 300 5.33 22.07 3.74
CA ILE A 300 5.30 20.62 3.75
C ILE A 300 4.00 20.09 3.15
N PHE A 301 4.12 19.33 2.08
CA PHE A 301 2.98 18.65 1.45
C PHE A 301 3.13 17.16 1.65
N ALA A 302 2.02 16.44 1.51
CA ALA A 302 2.02 14.97 1.66
C ALA A 302 1.08 14.30 0.67
N ALA A 303 1.48 13.13 0.18
CA ALA A 303 0.64 12.35 -0.73
C ALA A 303 0.81 10.87 -0.51
N GLY A 304 -0.22 10.09 -0.82
CA GLY A 304 -0.15 8.64 -0.76
C GLY A 304 -0.63 8.09 0.57
N ILE A 305 -0.15 6.90 0.93
CA ILE A 305 -0.55 6.28 2.20
C ILE A 305 -0.18 7.19 3.35
N ALA A 306 0.86 8.00 3.16
CA ALA A 306 1.40 8.86 4.20
C ALA A 306 0.41 9.84 4.81
N ILE A 307 -0.64 10.20 4.09
CA ILE A 307 -1.53 11.26 4.58
C ILE A 307 -2.57 10.68 5.51
N ALA A 308 -3.16 11.53 6.34
CA ALA A 308 -4.23 11.08 7.21
C ALA A 308 -5.59 11.27 6.55
N ILE A 309 -6.41 10.22 6.58
CA ILE A 309 -7.79 10.29 6.12
C ILE A 309 -8.73 9.82 7.23
N PRO A 310 -9.67 10.69 7.63
CA PRO A 310 -10.63 10.35 8.69
C PRO A 310 -11.44 9.08 8.36
N PRO A 311 -11.68 8.24 9.38
CA PRO A 311 -12.54 7.06 9.31
C PRO A 311 -14.01 7.47 9.20
N VAL A 312 -14.82 6.63 8.56
CA VAL A 312 -16.22 6.94 8.36
C VAL A 312 -17.07 5.94 9.12
N GLU A 313 -16.39 4.97 9.74
CA GLU A 313 -17.07 3.86 10.36
C GLU A 313 -16.16 3.31 11.45
N THR A 314 -16.75 2.72 12.48
CA THR A 314 -15.96 2.10 13.52
C THR A 314 -16.35 0.63 13.63
N THR A 315 -15.46 -0.27 13.21
CA THR A 315 -15.75 -1.70 13.20
C THR A 315 -15.41 -2.37 14.54
N PRO A 316 -16.13 -3.46 14.87
CA PRO A 316 -15.92 -4.22 16.11
C PRO A 316 -14.43 -4.40 16.38
N VAL A 317 -13.72 -4.98 15.41
CA VAL A 317 -12.27 -4.99 15.40
C VAL A 317 -11.83 -3.82 14.52
N PRO A 318 -10.83 -3.04 14.98
CA PRO A 318 -10.38 -1.87 14.23
C PRO A 318 -9.98 -2.23 12.80
N THR A 319 -10.45 -1.45 11.83
CA THR A 319 -10.06 -1.62 10.44
C THR A 319 -9.95 -0.24 9.81
N GLY A 320 -9.21 -0.15 8.71
CA GLY A 320 -9.05 1.11 8.01
C GLY A 320 -9.43 1.06 6.55
N ALA A 321 -9.77 2.22 6.00
CA ALA A 321 -10.09 2.33 4.59
C ALA A 321 -8.80 2.48 3.79
N PRO A 322 -8.69 1.74 2.67
CA PRO A 322 -7.47 1.78 1.86
C PRO A 322 -7.28 3.08 1.10
N LYS A 323 -6.03 3.34 0.76
CA LYS A 323 -5.64 4.46 -0.06
C LYS A 323 -5.01 3.84 -1.29
N THR A 324 -5.67 3.99 -2.43
CA THR A 324 -5.33 3.24 -3.62
C THR A 324 -4.81 4.11 -4.77
N GLY A 325 -4.30 3.44 -5.78
CA GLY A 325 -3.53 4.01 -6.88
C GLY A 325 -4.06 5.26 -7.53
N TYR A 326 -5.31 5.25 -7.97
CA TYR A 326 -5.83 6.41 -8.66
C TYR A 326 -5.92 7.64 -7.78
N MET A 327 -6.38 7.47 -6.55
CA MET A 327 -6.53 8.58 -5.63
C MET A 327 -5.18 9.11 -5.16
N ILE A 328 -4.21 8.22 -5.05
CA ILE A 328 -2.85 8.61 -4.71
C ILE A 328 -2.29 9.53 -5.81
N GLU A 329 -2.57 9.18 -7.06
CA GLU A 329 -2.11 10.01 -8.17
C GLU A 329 -2.73 11.42 -8.16
N SER A 330 -4.02 11.52 -7.82
CA SER A 330 -4.67 12.83 -7.69
C SER A 330 -4.05 13.64 -6.56
N MET A 331 -3.69 12.94 -5.47
CA MET A 331 -3.03 13.59 -4.37
C MET A 331 -1.70 14.17 -4.86
N VAL A 332 -0.93 13.32 -5.54
CA VAL A 332 0.36 13.74 -6.11
C VAL A 332 0.24 14.97 -7.00
N SER A 333 -0.58 14.88 -8.03
CA SER A 333 -0.72 15.92 -9.04
C SER A 333 -1.24 17.24 -8.43
N ALA A 334 -2.13 17.13 -7.47
CA ALA A 334 -2.63 18.32 -6.78
C ALA A 334 -1.50 18.99 -6.02
N ALA A 335 -0.73 18.19 -5.27
CA ALA A 335 0.37 18.73 -4.47
C ALA A 335 1.38 19.43 -5.37
N VAL A 336 1.73 18.82 -6.48
CA VAL A 336 2.64 19.43 -7.43
C VAL A 336 2.13 20.80 -7.89
N HIS A 337 0.88 20.83 -8.33
CA HIS A 337 0.24 22.06 -8.82
C HIS A 337 0.19 23.15 -7.74
N ASN A 338 -0.02 22.74 -6.51
CA ASN A 338 -0.12 23.67 -5.39
C ASN A 338 1.22 24.24 -4.89
N ILE A 339 2.29 23.45 -5.01
CA ILE A 339 3.61 23.96 -4.68
C ILE A 339 4.03 24.98 -5.75
N LYS A 340 3.90 24.59 -7.01
CA LYS A 340 4.18 25.45 -8.15
C LYS A 340 3.47 26.80 -8.06
N ALA A 341 2.22 26.78 -7.62
CA ALA A 341 1.47 28.02 -7.46
C ALA A 341 2.12 28.87 -6.39
N ASP A 342 2.47 28.24 -5.27
CA ASP A 342 3.22 28.93 -4.23
C ASP A 342 4.48 29.60 -4.77
N LEU A 343 5.31 28.83 -5.47
CA LEU A 343 6.52 29.33 -6.10
C LEU A 343 6.21 30.46 -7.06
N GLU A 344 4.94 30.60 -7.44
CA GLU A 344 4.55 31.56 -8.46
C GLU A 344 3.59 32.63 -7.96
N GLY A 345 3.18 32.53 -6.70
CA GLY A 345 2.42 33.60 -6.09
C GLY A 345 1.11 33.24 -5.42
N ARG A 346 0.35 32.32 -6.02
CA ARG A 346 -1.00 32.10 -5.51
C ARG A 346 -1.14 30.88 -4.63
N LYS A 347 -2.28 30.80 -3.95
CA LYS A 347 -2.70 29.55 -3.34
C LYS A 347 -3.17 28.67 -4.49
N GLY A 348 -2.66 27.45 -4.56
CA GLY A 348 -3.18 26.49 -5.50
C GLY A 348 -4.52 26.04 -4.96
N GLU A 349 -5.53 26.00 -5.82
CA GLU A 349 -6.87 25.60 -5.38
C GLU A 349 -7.13 24.13 -5.68
N GLN A 350 -6.13 23.44 -6.21
CA GLN A 350 -6.33 22.06 -6.66
C GLN A 350 -6.45 21.06 -5.51
N THR A 351 -7.36 20.11 -5.68
CA THR A 351 -7.66 19.16 -4.62
C THR A 351 -7.51 17.75 -5.15
N MET A 352 -7.59 16.81 -4.22
CA MET A 352 -7.47 15.39 -4.50
C MET A 352 -8.65 14.89 -5.34
N GLY A 353 -9.79 15.54 -5.18
CA GLY A 353 -11.01 15.16 -5.87
C GLY A 353 -11.92 14.37 -4.97
N THR A 354 -12.83 13.60 -5.56
CA THR A 354 -13.70 12.75 -4.79
C THR A 354 -12.93 11.53 -4.31
N TRP A 355 -13.16 11.15 -3.06
CA TRP A 355 -12.55 9.95 -2.52
C TRP A 355 -13.01 8.76 -3.33
N ASN A 356 -12.11 7.81 -3.51
CA ASN A 356 -12.45 6.62 -4.26
C ASN A 356 -11.50 5.50 -3.91
N ALA A 357 -11.98 4.28 -4.08
CA ALA A 357 -11.11 3.11 -4.03
C ALA A 357 -11.26 2.28 -5.30
N VAL A 358 -10.14 2.04 -5.94
CA VAL A 358 -10.06 1.21 -7.14
C VAL A 358 -9.01 0.15 -6.87
N CYS A 359 -9.36 -1.12 -7.04
CA CYS A 359 -8.41 -2.21 -6.81
C CYS A 359 -8.58 -3.32 -7.82
N PHE A 360 -7.46 -3.84 -8.29
CA PHE A 360 -7.45 -4.93 -9.24
C PHE A 360 -6.68 -6.08 -8.63
N ALA A 361 -7.20 -7.28 -8.81
CA ALA A 361 -6.53 -8.48 -8.33
C ALA A 361 -6.56 -9.51 -9.44
N ASP A 362 -5.41 -10.09 -9.74
CA ASP A 362 -5.29 -11.13 -10.75
C ASP A 362 -5.18 -12.50 -10.11
N MET A 363 -5.96 -13.46 -10.59
CA MET A 363 -5.86 -14.82 -10.07
C MET A 363 -5.16 -15.79 -11.01
N GLY A 364 -4.63 -15.27 -12.11
CA GLY A 364 -3.96 -16.12 -13.07
C GLY A 364 -4.53 -15.95 -14.47
N ASP A 365 -5.76 -16.44 -14.67
CA ASP A 365 -6.43 -16.34 -15.96
C ASP A 365 -7.51 -15.26 -15.95
N ARG A 366 -8.01 -14.97 -14.74
CA ARG A 366 -9.04 -13.96 -14.58
C ARG A 366 -8.77 -13.18 -13.31
N GLY A 367 -9.48 -12.07 -13.15
CA GLY A 367 -9.23 -11.18 -12.03
C GLY A 367 -10.50 -10.67 -11.37
N ALA A 368 -10.33 -10.11 -10.19
CA ALA A 368 -11.40 -9.39 -9.53
C ALA A 368 -10.97 -7.95 -9.39
N ALA A 369 -11.91 -7.02 -9.48
CA ALA A 369 -11.60 -5.62 -9.33
C ALA A 369 -12.83 -4.89 -8.87
N PHE A 370 -12.64 -3.82 -8.10
CA PHE A 370 -13.76 -3.04 -7.64
C PHE A 370 -13.53 -1.55 -7.80
N ILE A 371 -14.62 -0.80 -7.98
CA ILE A 371 -14.58 0.64 -7.93
C ILE A 371 -15.64 1.15 -6.95
N ALA A 372 -15.20 1.91 -5.95
CA ALA A 372 -16.13 2.50 -5.00
C ALA A 372 -15.88 4.00 -4.92
N LEU A 373 -16.94 4.79 -5.02
CA LEU A 373 -16.87 6.22 -4.72
C LEU A 373 -18.24 6.85 -4.63
N PRO A 374 -18.38 7.85 -3.74
CA PRO A 374 -17.32 8.31 -2.83
C PRO A 374 -17.19 7.37 -1.63
N GLN A 375 -16.67 7.82 -0.49
CA GLN A 375 -16.41 6.87 0.59
C GLN A 375 -17.67 6.34 1.28
N LEU A 376 -18.66 7.20 1.47
CA LEU A 376 -19.87 6.85 2.21
C LEU A 376 -21.03 6.41 1.31
N LYS A 377 -21.82 5.45 1.78
CA LYS A 377 -23.00 4.99 1.03
C LYS A 377 -24.17 5.86 1.38
N PRO A 378 -25.08 6.07 0.43
CA PRO A 378 -25.12 5.44 -0.91
C PRO A 378 -24.12 6.03 -1.92
N ARG A 379 -23.39 5.17 -2.61
CA ARG A 379 -22.31 5.63 -3.50
C ARG A 379 -22.79 6.01 -4.88
N LYS A 380 -21.94 6.69 -5.62
CA LYS A 380 -22.27 7.00 -7.02
C LYS A 380 -21.80 5.87 -7.90
N VAL A 381 -20.72 5.22 -7.50
CA VAL A 381 -20.26 4.02 -8.15
C VAL A 381 -19.89 2.97 -7.11
N ASP A 382 -20.42 1.78 -7.29
CA ASP A 382 -20.19 0.70 -6.37
C ASP A 382 -20.15 -0.58 -7.18
N VAL A 383 -19.00 -0.90 -7.76
CA VAL A 383 -18.94 -2.04 -8.66
C VAL A 383 -17.86 -3.04 -8.28
N PHE A 384 -18.24 -4.31 -8.29
CA PHE A 384 -17.29 -5.40 -8.12
C PHE A 384 -17.40 -6.27 -9.35
N ALA A 385 -16.30 -6.43 -10.07
CA ALA A 385 -16.31 -7.21 -11.30
C ALA A 385 -15.30 -8.34 -11.24
N TYR A 386 -15.65 -9.43 -11.90
CA TYR A 386 -14.76 -10.55 -12.06
C TYR A 386 -14.77 -10.90 -13.54
N GLY A 387 -13.62 -11.29 -14.07
CA GLY A 387 -13.54 -11.74 -15.43
C GLY A 387 -12.10 -11.88 -15.92
N ARG A 388 -11.97 -12.23 -17.19
CA ARG A 388 -10.66 -12.30 -17.82
C ARG A 388 -10.17 -10.88 -18.06
N TRP A 389 -11.07 -9.97 -18.44
CA TRP A 389 -10.68 -8.60 -18.75
C TRP A 389 -9.97 -7.88 -17.61
N VAL A 390 -10.26 -8.29 -16.38
CA VAL A 390 -9.62 -7.74 -15.19
C VAL A 390 -8.15 -8.16 -15.19
N HIS A 391 -7.92 -9.43 -15.49
CA HIS A 391 -6.56 -9.94 -15.68
C HIS A 391 -5.81 -9.24 -16.81
N LEU A 392 -6.45 -9.10 -17.97
CA LEU A 392 -5.79 -8.44 -19.09
C LEU A 392 -5.42 -7.05 -18.65
N ALA A 393 -6.34 -6.44 -17.89
CA ALA A 393 -6.19 -5.07 -17.41
C ALA A 393 -5.04 -4.92 -16.41
N LYS A 394 -4.92 -5.88 -15.49
CA LYS A 394 -3.85 -5.84 -14.51
C LYS A 394 -2.50 -5.92 -15.23
N VAL A 395 -2.31 -6.99 -15.98
CA VAL A 395 -1.11 -7.18 -16.79
C VAL A 395 -0.72 -5.92 -17.56
N ALA A 396 -1.73 -5.26 -18.09
CA ALA A 396 -1.51 -4.13 -18.98
C ALA A 396 -1.07 -2.90 -18.20
N PHE A 397 -1.61 -2.75 -17.00
CA PHE A 397 -1.37 -1.55 -16.24
C PHE A 397 0.01 -1.58 -15.62
N GLU A 398 0.45 -2.77 -15.24
CA GLU A 398 1.78 -2.93 -14.68
C GLU A 398 2.81 -2.52 -15.72
N LYS A 399 2.69 -3.14 -16.89
CA LYS A 399 3.55 -2.83 -18.03
C LYS A 399 3.59 -1.33 -18.31
N TYR A 400 2.40 -0.74 -18.44
CA TYR A 400 2.29 0.69 -18.61
C TYR A 400 3.00 1.49 -17.50
N PHE A 401 2.79 1.12 -16.24
CA PHE A 401 3.28 1.95 -15.13
C PHE A 401 4.79 1.90 -15.02
N ILE A 402 5.33 0.70 -15.06
CA ILE A 402 6.77 0.51 -15.04
C ILE A 402 7.43 1.27 -16.20
N ARG A 403 6.83 1.19 -17.39
CA ARG A 403 7.35 1.93 -18.53
C ARG A 403 7.34 3.44 -18.26
N LYS A 404 6.20 3.97 -17.80
CA LYS A 404 6.09 5.38 -17.50
C LYS A 404 7.06 5.82 -16.40
N MET A 405 7.30 4.94 -15.42
CA MET A 405 8.24 5.27 -14.37
C MET A 405 9.67 5.32 -14.90
N LYS A 406 9.88 4.75 -16.08
CA LYS A 406 11.19 4.80 -16.74
C LYS A 406 11.35 5.98 -17.69
N MET A 407 10.33 6.26 -18.49
CA MET A 407 10.41 7.35 -19.49
C MET A 407 10.04 8.73 -18.92
N GLY A 408 9.37 8.74 -17.77
CA GLY A 408 8.95 9.99 -17.16
C GLY A 408 7.49 10.31 -17.39
N VAL A 409 6.96 11.22 -16.58
CA VAL A 409 5.59 11.69 -16.73
C VAL A 409 5.53 13.21 -16.58
N SER A 410 4.76 13.86 -17.45
CA SER A 410 4.52 15.30 -17.35
C SER A 410 3.60 15.63 -16.16
N GLU A 411 2.36 15.13 -16.13
CA GLU A 411 1.60 14.48 -17.21
C GLU A 411 0.33 13.95 -16.60
N PRO A 412 -0.76 14.72 -16.69
CA PRO A 412 -2.03 14.20 -16.17
C PRO A 412 -2.04 12.69 -16.38
N PHE A 413 -1.82 11.93 -15.33
CA PHE A 413 -1.50 10.51 -15.50
C PHE A 413 -2.57 9.70 -16.21
N TYR A 414 -3.52 9.16 -15.46
CA TYR A 414 -4.59 8.35 -16.04
C TYR A 414 -5.28 9.05 -17.20
N GLU A 415 -4.55 9.12 -18.31
CA GLU A 415 -5.14 9.36 -19.61
C GLU A 415 -5.57 7.98 -20.11
N LYS A 416 -5.72 7.05 -19.17
CA LYS A 416 -6.26 5.72 -19.45
C LYS A 416 -7.74 5.88 -19.75
N VAL A 417 -8.03 6.94 -20.49
CA VAL A 417 -9.38 7.26 -20.95
C VAL A 417 -9.25 7.75 -22.39
N LEU A 418 -8.24 7.22 -23.07
CA LEU A 418 -8.08 7.44 -24.51
C LEU A 418 -8.67 6.23 -25.23
N PHE A 419 -8.81 5.13 -24.50
CA PHE A 419 -9.38 3.91 -25.06
C PHE A 419 -10.88 4.10 -25.35
N LYS A 420 -11.39 5.28 -25.03
CA LYS A 420 -12.70 5.72 -25.46
C LYS A 420 -12.52 6.67 -26.63
N MET A 421 -11.93 7.84 -26.35
CA MET A 421 -11.68 8.86 -27.38
C MET A 421 -10.85 8.31 -28.52
#